data_3OEF
#
_entry.id   3OEF
#
_cell.length_a   64.734
_cell.length_b   69.070
_cell.length_c   74.409
_cell.angle_alpha   90.00
_cell.angle_beta   90.00
_cell.angle_gamma   90.00
#
_symmetry.space_group_name_H-M   'P 21 21 21'
#
loop_
_entity.id
_entity.type
_entity.pdbx_description
1 polymer 'Mitogen-activated protein kinase 14'
2 non-polymer 'octyl beta-D-glucopyranoside'
3 water water
#
_entity_poly.entity_id   1
_entity_poly.type   'polypeptide(L)'
_entity_poly.pdbx_seq_one_letter_code
;MSQERPTFYRQELNKTIWEVPERYQNLSPVGSGAYGSVCAAFDTKTGLRVAVKKLSRPFQSIIHAKRTYRELRLLKHMKH
ENVIGLLDVFTPARSLEEFNDVYLVTHLMGADLNNIVKCQKLTDDHVQFLIYQILRGLKYIHSADIIHRDLKPSNLAVNE
DCELKILDFGLARHTDDEMTGYVATRWYRAPEIMLNWMHYNQTVDIWSVGCIMAELLTGRTLFPGTDHIDQLKLILRLVG
TPGAELLKKISSESARNYIQSLTQMPKMNFANVFIGANPLAVDLLEKMLVLDSDKRITAAQALAHAYFAQYHDPDDEPVA
DPFDQSFESRDLLIDEWKSLTYDEVISFVPPPLDQEEMES
;
_entity_poly.pdbx_strand_id   X
#
loop_
_chem_comp.id
_chem_comp.type
_chem_comp.name
_chem_comp.formula
BOG D-saccharide 'octyl beta-D-glucopyranoside' 'C14 H28 O6'
#
# COMPACT_ATOMS: atom_id res chain seq x y z
N ARG A 5 1.41 10.22 31.35
CA ARG A 5 2.13 10.87 30.26
C ARG A 5 3.62 10.57 30.36
N PRO A 6 4.23 10.17 29.25
CA PRO A 6 5.67 9.93 29.18
C PRO A 6 6.47 11.23 29.27
N THR A 7 7.75 11.10 29.55
CA THR A 7 8.62 12.25 29.53
C THR A 7 9.05 12.49 28.08
N PHE A 8 8.87 13.72 27.59
CA PHE A 8 9.27 14.06 26.21
C PHE A 8 10.61 14.78 26.22
N TYR A 9 11.30 14.70 25.09
CA TYR A 9 12.48 15.52 24.84
C TYR A 9 12.39 16.17 23.48
N ARG A 10 13.13 17.26 23.29
CA ARG A 10 13.02 18.04 22.08
C ARG A 10 14.32 18.02 21.28
N GLN A 11 14.19 18.15 19.97
CA GLN A 11 15.33 18.04 19.07
C GLN A 11 14.90 18.61 17.73
N GLU A 12 15.80 19.33 17.05
CA GLU A 12 15.50 19.87 15.72
C GLU A 12 15.71 18.83 14.61
N LEU A 13 14.63 18.48 13.91
CA LEU A 13 14.73 17.55 12.78
C LEU A 13 13.89 18.01 11.60
N ASN A 14 14.37 17.74 10.40
CA ASN A 14 13.65 18.14 9.20
C ASN A 14 13.05 19.53 9.38
N LYS A 15 13.85 20.43 9.96
CA LYS A 15 13.54 21.88 10.00
C LYS A 15 12.46 22.35 10.98
N THR A 16 12.10 21.50 11.94
CA THR A 16 11.16 21.86 13.00
C THR A 16 11.60 21.17 14.27
N ILE A 17 10.96 21.54 15.38
CA ILE A 17 11.29 20.93 16.65
C ILE A 17 10.44 19.69 16.80
N TRP A 18 11.11 18.53 16.91
CA TRP A 18 10.40 17.30 17.18
C TRP A 18 10.39 17.08 18.68
N GLU A 19 9.22 16.79 19.22
CA GLU A 19 9.07 16.58 20.63
C GLU A 19 8.50 15.15 20.78
N VAL A 20 9.31 14.24 21.34
CA VAL A 20 8.90 12.84 21.35
C VAL A 20 9.21 12.20 22.70
N PRO A 21 8.50 11.11 23.05
CA PRO A 21 8.83 10.38 24.27
C PRO A 21 10.26 9.85 24.32
N GLU A 22 10.90 9.96 25.49
CA GLU A 22 12.28 9.55 25.72
C GLU A 22 12.62 8.17 25.16
N ARG A 23 11.66 7.27 25.12
CA ARG A 23 11.94 5.92 24.60
C ARG A 23 12.48 5.91 23.18
N TYR A 24 12.09 6.88 22.39
CA TYR A 24 12.50 6.89 21.00
C TYR A 24 13.81 7.63 20.86
N GLN A 25 14.81 6.93 20.35
CA GLN A 25 16.18 7.44 20.32
C GLN A 25 16.81 7.36 18.94
N ASN A 26 17.89 8.12 18.74
CA ASN A 26 18.62 8.05 17.49
C ASN A 26 17.78 8.35 16.26
N LEU A 27 16.88 9.33 16.36
CA LEU A 27 16.12 9.73 15.19
C LEU A 27 17.01 10.22 14.04
N SER A 28 16.73 9.73 12.85
CA SER A 28 17.49 10.11 11.67
C SER A 28 16.55 10.28 10.49
N PRO A 29 16.58 11.47 9.87
CA PRO A 29 15.64 11.75 8.78
C PRO A 29 15.77 10.78 7.62
N VAL A 30 14.64 10.33 7.12
CA VAL A 30 14.65 9.33 6.06
C VAL A 30 13.71 9.71 4.94
N GLY A 31 12.88 10.72 5.18
CA GLY A 31 11.95 11.15 4.17
C GLY A 31 11.21 12.40 4.59
N SER A 32 10.67 13.10 3.61
CA SER A 32 9.74 14.19 3.84
C SER A 32 8.75 14.21 2.68
N GLY A 33 7.56 14.72 2.94
CA GLY A 33 6.54 14.84 1.93
C GLY A 33 5.78 16.13 2.16
N ALA A 34 4.78 16.39 1.32
CA ALA A 34 3.99 17.60 1.46
C ALA A 34 3.25 17.60 2.81
N TYR A 35 2.99 16.40 3.33
CA TYR A 35 2.11 16.26 4.48
C TYR A 35 2.79 15.78 5.75
N GLY A 36 4.06 15.37 5.66
CA GLY A 36 4.76 14.79 6.79
C GLY A 36 6.22 14.46 6.53
N SER A 37 6.98 14.20 7.59
CA SER A 37 8.38 13.82 7.47
C SER A 37 8.62 12.66 8.41
N VAL A 38 9.55 11.78 8.04
CA VAL A 38 9.79 10.55 8.80
C VAL A 38 11.22 10.47 9.28
N CYS A 39 11.41 10.03 10.51
CA CYS A 39 12.72 9.64 10.96
C CYS A 39 12.74 8.17 11.33
N ALA A 40 13.84 7.51 11.02
CA ALA A 40 14.07 6.19 11.54
C ALA A 40 14.48 6.40 12.96
N ALA A 41 14.14 5.47 13.84
CA ALA A 41 14.49 5.62 15.24
C ALA A 41 14.58 4.24 15.87
N PHE A 42 14.96 4.19 17.13
CA PHE A 42 15.05 2.92 17.84
C PHE A 42 14.23 3.08 19.09
N ASP A 43 13.28 2.17 19.28
CA ASP A 43 12.39 2.26 20.44
C ASP A 43 12.98 1.47 21.58
N THR A 44 13.58 2.20 22.51
CA THR A 44 14.36 1.57 23.57
C THR A 44 13.42 0.82 24.49
N LYS A 45 12.13 1.06 24.34
CA LYS A 45 11.16 0.43 25.23
C LYS A 45 10.72 -0.93 24.73
N THR A 46 10.83 -1.17 23.42
CA THR A 46 10.42 -2.48 22.87
C THR A 46 11.58 -3.19 22.17
N GLY A 47 12.68 -2.48 21.96
CA GLY A 47 13.81 -3.06 21.27
C GLY A 47 13.64 -3.10 19.76
N LEU A 48 12.59 -2.44 19.26
CA LEU A 48 12.30 -2.42 17.83
C LEU A 48 12.85 -1.19 17.13
N ARG A 49 13.30 -1.37 15.90
CA ARG A 49 13.54 -0.24 15.02
C ARG A 49 12.18 0.23 14.54
N VAL A 50 11.96 1.54 14.62
CA VAL A 50 10.68 2.10 14.21
C VAL A 50 10.85 3.30 13.28
N ALA A 51 9.78 3.60 12.57
CA ALA A 51 9.64 4.85 11.83
C ALA A 51 8.75 5.79 12.63
N VAL A 52 9.22 7.02 12.86
CA VAL A 52 8.39 8.01 13.51
C VAL A 52 8.03 9.09 12.50
N LYS A 53 6.74 9.24 12.24
CA LYS A 53 6.29 10.25 11.28
C LYS A 53 5.65 11.39 12.00
N LYS A 54 6.20 12.58 11.82
CA LYS A 54 5.56 13.79 12.33
C LYS A 54 4.76 14.41 11.20
N LEU A 55 3.44 14.50 11.34
CA LEU A 55 2.65 15.18 10.32
C LEU A 55 3.04 16.63 10.22
N SER A 56 3.00 17.16 9.01
N SER A 56 2.99 17.17 9.00
CA SER A 56 3.30 18.57 8.80
CA SER A 56 3.29 18.58 8.82
C SER A 56 2.02 19.40 8.79
C SER A 56 2.01 19.41 8.78
N ARG A 57 1.83 20.25 9.79
CA ARG A 57 0.63 21.10 9.88
C ARG A 57 -0.62 20.27 9.59
N PRO A 58 -0.87 19.27 10.43
CA PRO A 58 -1.96 18.30 10.20
C PRO A 58 -3.36 18.91 10.11
N PHE A 59 -3.54 20.11 10.65
CA PHE A 59 -4.87 20.73 10.65
C PHE A 59 -4.84 22.05 9.91
N GLN A 60 -3.97 22.13 8.91
CA GLN A 60 -3.83 23.40 8.17
C GLN A 60 -5.11 23.79 7.41
N SER A 61 -5.87 22.80 6.96
CA SER A 61 -7.09 23.03 6.18
C SER A 61 -8.00 21.86 6.39
N ILE A 62 -9.23 21.97 5.92
CA ILE A 62 -10.20 20.88 6.01
C ILE A 62 -9.61 19.61 5.41
N ILE A 63 -8.99 19.73 4.24
CA ILE A 63 -8.40 18.58 3.56
C ILE A 63 -7.24 17.95 4.33
N HIS A 64 -6.33 18.76 4.85
CA HIS A 64 -5.21 18.24 5.65
C HIS A 64 -5.79 17.49 6.86
N ALA A 65 -6.78 18.11 7.48
CA ALA A 65 -7.34 17.60 8.73
C ALA A 65 -8.03 16.29 8.50
N LYS A 66 -8.79 16.17 7.39
CA LYS A 66 -9.45 14.91 7.05
C LYS A 66 -8.41 13.86 6.72
N ARG A 67 -7.32 14.26 6.08
CA ARG A 67 -6.27 13.30 5.66
C ARG A 67 -5.60 12.73 6.90
N THR A 68 -5.38 13.61 7.87
CA THR A 68 -4.77 13.23 9.15
C THR A 68 -5.65 12.24 9.90
N TYR A 69 -6.94 12.54 9.95
CA TYR A 69 -7.86 11.63 10.59
C TYR A 69 -7.94 10.26 9.88
N ARG A 70 -8.04 10.30 8.55
CA ARG A 70 -8.08 9.06 7.76
C ARG A 70 -6.84 8.20 8.01
N GLU A 71 -5.66 8.80 7.96
CA GLU A 71 -4.41 8.08 8.16
C GLU A 71 -4.41 7.42 9.53
N LEU A 72 -4.77 8.18 10.56
CA LEU A 72 -4.77 7.61 11.90
C LEU A 72 -5.81 6.49 12.03
N ARG A 73 -7.02 6.72 11.52
CA ARG A 73 -8.07 5.69 11.57
C ARG A 73 -7.61 4.40 10.90
N LEU A 74 -7.06 4.51 9.69
CA LEU A 74 -6.61 3.31 8.96
C LEU A 74 -5.52 2.57 9.72
N LEU A 75 -4.53 3.32 10.19
CA LEU A 75 -3.42 2.68 10.92
C LEU A 75 -3.91 2.02 12.20
N LYS A 76 -4.85 2.65 12.90
CA LYS A 76 -5.37 2.06 14.13
C LYS A 76 -6.13 0.76 13.86
N HIS A 77 -6.71 0.67 12.68
CA HIS A 77 -7.56 -0.50 12.35
C HIS A 77 -6.72 -1.74 12.04
N MET A 78 -5.55 -1.53 11.45
CA MET A 78 -4.82 -2.66 10.86
C MET A 78 -4.10 -3.51 11.88
N LYS A 79 -4.58 -4.75 12.05
CA LYS A 79 -3.98 -5.71 12.96
C LYS A 79 -3.76 -7.04 12.28
N HIS A 80 -2.67 -7.11 11.51
CA HIS A 80 -2.40 -8.30 10.70
C HIS A 80 -0.89 -8.39 10.47
N GLU A 81 -0.37 -9.61 10.48
CA GLU A 81 1.08 -9.80 10.35
C GLU A 81 1.67 -9.22 9.06
N ASN A 82 0.88 -9.16 7.99
CA ASN A 82 1.38 -8.70 6.69
C ASN A 82 0.94 -7.28 6.30
N VAL A 83 0.52 -6.50 7.29
CA VAL A 83 0.09 -5.14 7.05
C VAL A 83 0.70 -4.26 8.12
N ILE A 84 1.21 -3.10 7.73
CA ILE A 84 1.77 -2.21 8.74
C ILE A 84 0.69 -1.83 9.74
N GLY A 85 1.06 -1.77 11.01
CA GLY A 85 0.10 -1.38 12.02
C GLY A 85 0.70 -0.28 12.88
N LEU A 86 -0.11 0.24 13.78
CA LEU A 86 0.32 1.42 14.55
C LEU A 86 0.93 0.96 15.86
N LEU A 87 2.21 1.21 16.06
CA LEU A 87 2.83 0.84 17.33
C LEU A 87 2.51 1.88 18.41
N ASP A 88 2.37 3.15 18.01
CA ASP A 88 2.18 4.27 18.94
C ASP A 88 1.67 5.47 18.15
N VAL A 89 0.90 6.32 18.81
CA VAL A 89 0.56 7.64 18.28
C VAL A 89 0.62 8.56 19.48
N PHE A 90 1.22 9.73 19.30
CA PHE A 90 1.33 10.65 20.43
C PHE A 90 1.31 12.12 20.04
N THR A 91 1.06 12.96 21.03
CA THR A 91 1.21 14.39 20.85
C THR A 91 1.71 14.91 22.17
N PRO A 92 2.59 15.92 22.15
CA PRO A 92 3.02 16.55 23.41
C PRO A 92 1.95 17.44 24.01
N ALA A 93 0.87 17.72 23.27
CA ALA A 93 -0.23 18.55 23.80
C ALA A 93 -0.89 17.88 24.99
N ARG A 94 -1.27 18.67 25.99
CA ARG A 94 -1.95 18.15 27.18
C ARG A 94 -3.45 18.36 27.16
N SER A 95 -3.95 19.02 26.11
CA SER A 95 -5.38 19.21 25.93
C SER A 95 -5.72 19.49 24.47
N LEU A 96 -7.02 19.46 24.15
CA LEU A 96 -7.47 19.71 22.80
C LEU A 96 -7.09 21.13 22.40
N GLU A 97 -7.12 22.07 23.34
CA GLU A 97 -6.76 23.46 23.06
C GLU A 97 -5.31 23.61 22.61
N GLU A 98 -4.42 22.78 23.15
CA GLU A 98 -2.99 22.86 22.79
C GLU A 98 -2.67 21.96 21.61
N PHE A 99 -3.64 21.17 21.16
CA PHE A 99 -3.36 20.08 20.22
C PHE A 99 -3.02 20.60 18.84
N ASN A 100 -1.80 20.36 18.41
CA ASN A 100 -1.38 20.89 17.12
C ASN A 100 -0.50 19.96 16.33
N ASP A 101 0.12 19.00 16.99
CA ASP A 101 1.01 18.09 16.29
C ASP A 101 0.61 16.65 16.55
N VAL A 102 0.88 15.77 15.58
CA VAL A 102 0.53 14.37 15.64
C VAL A 102 1.72 13.57 15.14
N TYR A 103 2.16 12.58 15.92
CA TYR A 103 3.27 11.71 15.54
C TYR A 103 2.80 10.26 15.52
N LEU A 104 3.15 9.55 14.46
CA LEU A 104 2.73 8.16 14.25
C LEU A 104 3.95 7.25 14.23
N VAL A 105 3.91 6.17 15.01
CA VAL A 105 5.04 5.23 15.07
C VAL A 105 4.66 3.86 14.51
N THR A 106 5.48 3.37 13.57
CA THR A 106 5.28 2.07 12.95
C THR A 106 6.59 1.29 12.91
N HIS A 107 6.46 -0.02 12.65
N HIS A 107 6.48 -0.01 12.66
CA HIS A 107 7.61 -0.89 12.46
CA HIS A 107 7.66 -0.86 12.62
C HIS A 107 8.48 -0.34 11.35
C HIS A 107 8.49 -0.61 11.36
N LEU A 108 9.78 -0.42 11.52
CA LEU A 108 10.66 -0.20 10.40
C LEU A 108 11.29 -1.56 10.08
N MET A 109 10.84 -2.20 9.00
CA MET A 109 11.29 -3.56 8.73
C MET A 109 12.76 -3.60 8.29
N GLY A 110 13.18 -2.59 7.54
CA GLY A 110 14.59 -2.45 7.22
C GLY A 110 14.97 -2.47 5.75
N ALA A 111 14.06 -2.98 4.91
CA ALA A 111 14.24 -2.99 3.47
C ALA A 111 12.86 -3.00 2.81
N ASP A 112 12.86 -3.00 1.49
CA ASP A 112 11.62 -3.12 0.71
C ASP A 112 11.93 -3.81 -0.61
N LEU A 113 10.90 -4.05 -1.42
CA LEU A 113 11.08 -4.81 -2.64
C LEU A 113 11.59 -3.95 -3.80
N ASN A 114 11.71 -2.64 -3.57
CA ASN A 114 12.02 -1.71 -4.66
C ASN A 114 13.38 -1.95 -5.34
N ASN A 115 14.37 -2.33 -4.55
CA ASN A 115 15.71 -2.57 -5.09
C ASN A 115 15.86 -3.96 -5.69
N ILE A 116 14.90 -4.82 -5.39
CA ILE A 116 15.21 -6.24 -5.24
C ILE A 116 15.64 -7.03 -6.48
N VAL A 117 15.17 -6.69 -7.67
CA VAL A 117 15.60 -7.41 -8.86
C VAL A 117 16.48 -6.58 -9.80
N LYS A 118 16.94 -5.44 -9.29
CA LYS A 118 17.81 -4.57 -10.07
C LYS A 118 18.99 -5.38 -10.60
N CYS A 119 19.56 -6.20 -9.73
CA CYS A 119 20.72 -7.03 -10.04
C CYS A 119 20.36 -8.40 -10.65
N GLN A 120 19.35 -9.06 -10.11
CA GLN A 120 18.89 -10.32 -10.70
C GLN A 120 17.47 -10.68 -10.24
N LYS A 121 16.78 -11.47 -11.06
CA LYS A 121 15.46 -11.99 -10.70
C LYS A 121 15.53 -12.89 -9.46
N LEU A 122 14.38 -13.06 -8.80
CA LEU A 122 14.26 -13.90 -7.62
C LEU A 122 13.97 -15.34 -8.03
N THR A 123 14.22 -16.31 -7.15
CA THR A 123 13.85 -17.68 -7.44
C THR A 123 12.33 -17.83 -7.35
N ASP A 124 11.84 -18.85 -8.03
CA ASP A 124 10.42 -19.15 -7.96
C ASP A 124 9.99 -19.42 -6.52
N ASP A 125 10.79 -20.13 -5.73
CA ASP A 125 10.40 -20.43 -4.36
C ASP A 125 10.25 -19.16 -3.54
N HIS A 126 11.13 -18.20 -3.79
CA HIS A 126 11.07 -16.95 -3.03
C HIS A 126 9.90 -16.07 -3.45
N VAL A 127 9.62 -16.07 -4.74
CA VAL A 127 8.43 -15.36 -5.24
C VAL A 127 7.15 -15.96 -4.63
N GLN A 128 7.05 -17.29 -4.55
CA GLN A 128 5.90 -17.88 -3.88
C GLN A 128 5.71 -17.31 -2.48
N PHE A 129 6.81 -17.23 -1.72
CA PHE A 129 6.73 -16.77 -0.34
C PHE A 129 6.34 -15.28 -0.22
N LEU A 130 6.97 -14.43 -1.03
CA LEU A 130 6.65 -12.99 -0.99
C LEU A 130 5.24 -12.72 -1.48
N ILE A 131 4.87 -13.27 -2.63
CA ILE A 131 3.52 -12.98 -3.15
C ILE A 131 2.46 -13.57 -2.22
N TYR A 132 2.74 -14.74 -1.62
CA TYR A 132 1.79 -15.31 -0.67
C TYR A 132 1.50 -14.31 0.46
N GLN A 133 2.57 -13.71 0.98
CA GLN A 133 2.39 -12.74 2.08
C GLN A 133 1.64 -11.49 1.63
N ILE A 134 1.93 -11.01 0.42
CA ILE A 134 1.21 -9.84 -0.08
C ILE A 134 -0.29 -10.15 -0.16
N LEU A 135 -0.64 -11.31 -0.71
CA LEU A 135 -2.06 -11.69 -0.88
C LEU A 135 -2.72 -11.95 0.47
N ARG A 136 -1.98 -12.51 1.45
CA ARG A 136 -2.53 -12.78 2.76
C ARG A 136 -2.91 -11.42 3.38
N GLY A 137 -1.99 -10.46 3.28
CA GLY A 137 -2.28 -9.13 3.78
C GLY A 137 -3.38 -8.42 2.98
N LEU A 138 -3.42 -8.60 1.67
CA LEU A 138 -4.47 -7.99 0.87
C LEU A 138 -5.85 -8.61 1.13
N LYS A 139 -5.91 -9.91 1.36
CA LYS A 139 -7.18 -10.52 1.75
C LYS A 139 -7.74 -9.79 2.98
N TYR A 140 -6.86 -9.52 3.94
CA TYR A 140 -7.24 -8.82 5.15
C TYR A 140 -7.71 -7.41 4.88
N ILE A 141 -6.94 -6.63 4.13
CA ILE A 141 -7.33 -5.26 3.83
C ILE A 141 -8.66 -5.21 3.06
N HIS A 142 -8.79 -6.07 2.07
CA HIS A 142 -9.99 -6.10 1.26
C HIS A 142 -11.22 -6.48 2.07
N SER A 143 -11.01 -7.35 3.07
CA SER A 143 -12.14 -7.86 3.85
C SER A 143 -12.72 -6.75 4.71
N ALA A 144 -11.95 -5.68 4.92
CA ALA A 144 -12.41 -4.48 5.63
C ALA A 144 -13.10 -3.51 4.69
N ASP A 145 -13.19 -3.87 3.41
CA ASP A 145 -13.78 -3.01 2.40
C ASP A 145 -12.91 -1.78 2.16
N ILE A 146 -11.59 -1.99 2.20
CA ILE A 146 -10.58 -0.98 1.96
C ILE A 146 -9.83 -1.40 0.71
N ILE A 147 -9.54 -0.42 -0.13
CA ILE A 147 -8.76 -0.61 -1.34
C ILE A 147 -7.45 0.14 -1.14
N HIS A 148 -6.31 -0.51 -1.39
CA HIS A 148 -5.03 0.16 -1.26
C HIS A 148 -4.82 1.24 -2.31
N ARG A 149 -4.96 0.86 -3.59
CA ARG A 149 -4.84 1.75 -4.75
C ARG A 149 -3.44 2.11 -5.20
N ASP A 150 -2.44 1.87 -4.36
CA ASP A 150 -1.08 2.27 -4.72
C ASP A 150 -0.04 1.25 -4.33
N LEU A 151 -0.36 -0.01 -4.54
CA LEU A 151 0.58 -1.07 -4.27
C LEU A 151 1.70 -0.99 -5.30
N LYS A 152 2.94 -1.10 -4.83
CA LYS A 152 4.14 -1.01 -5.63
C LYS A 152 5.29 -1.49 -4.76
N PRO A 153 6.43 -1.80 -5.35
CA PRO A 153 7.50 -2.42 -4.59
C PRO A 153 7.97 -1.64 -3.35
N SER A 154 8.02 -0.31 -3.40
CA SER A 154 8.48 0.52 -2.27
C SER A 154 7.45 0.53 -1.12
N ASN A 155 6.22 0.15 -1.42
CA ASN A 155 5.20 -0.05 -0.39
C ASN A 155 5.18 -1.47 0.18
N LEU A 156 6.19 -2.26 -0.13
CA LEU A 156 6.25 -3.61 0.43
C LEU A 156 7.52 -3.75 1.22
N ALA A 157 7.40 -3.71 2.54
CA ALA A 157 8.58 -3.76 3.39
C ALA A 157 8.91 -5.18 3.77
N VAL A 158 10.20 -5.49 3.84
CA VAL A 158 10.60 -6.81 4.28
C VAL A 158 11.73 -6.69 5.31
N ASN A 159 11.77 -7.61 6.28
CA ASN A 159 12.92 -7.73 7.16
C ASN A 159 13.94 -8.76 6.64
N GLU A 160 14.93 -9.09 7.47
CA GLU A 160 16.00 -10.01 7.09
C GLU A 160 15.49 -11.42 6.80
N ASP A 161 14.43 -11.82 7.50
CA ASP A 161 13.84 -13.14 7.31
C ASP A 161 12.80 -13.12 6.19
N CYS A 162 12.81 -12.04 5.42
CA CYS A 162 11.83 -11.78 4.36
C CYS A 162 10.36 -11.91 4.75
N GLU A 163 10.07 -11.62 6.02
CA GLU A 163 8.69 -11.38 6.42
C GLU A 163 8.30 -10.02 5.86
N LEU A 164 7.09 -9.93 5.30
CA LEU A 164 6.68 -8.78 4.50
C LEU A 164 5.49 -8.07 5.13
N LYS A 165 5.48 -6.75 5.05
CA LYS A 165 4.31 -5.98 5.43
C LYS A 165 3.98 -4.98 4.35
N ILE A 166 2.70 -4.89 4.06
CA ILE A 166 2.20 -3.84 3.18
C ILE A 166 2.15 -2.48 3.89
N LEU A 167 2.73 -1.47 3.25
CA LEU A 167 2.79 -0.10 3.79
C LEU A 167 1.86 0.82 3.03
N ASP A 168 1.64 2.01 3.60
CA ASP A 168 1.11 3.14 2.85
C ASP A 168 1.52 4.41 3.62
N PHE A 169 0.82 5.52 3.39
CA PHE A 169 1.01 6.73 4.22
C PHE A 169 2.41 7.32 4.18
N GLY A 170 3.06 7.24 3.02
CA GLY A 170 4.36 7.86 2.86
C GLY A 170 5.45 7.28 3.75
N LEU A 171 5.27 6.02 4.14
CA LEU A 171 6.31 5.29 4.84
C LEU A 171 7.26 4.66 3.83
N ALA A 172 6.88 4.70 2.56
CA ALA A 172 7.71 4.12 1.51
C ALA A 172 8.98 4.96 1.38
N ARG A 173 10.13 4.29 1.46
CA ARG A 173 11.43 4.97 1.38
C ARG A 173 11.74 5.40 -0.05
N THR A 185 5.50 6.60 -9.28
CA THR A 185 5.44 5.83 -10.53
C THR A 185 4.03 5.25 -10.76
N ARG A 186 3.70 5.05 -12.02
CA ARG A 186 2.41 4.53 -12.45
C ARG A 186 2.60 3.13 -13.04
N TRP A 187 3.81 2.61 -12.95
CA TRP A 187 4.09 1.30 -13.55
C TRP A 187 3.25 0.16 -13.01
N TYR A 188 2.71 0.30 -11.79
CA TYR A 188 1.95 -0.76 -11.13
C TYR A 188 0.48 -0.46 -11.00
N ARG A 189 0.06 0.69 -11.56
CA ARG A 189 -1.33 1.10 -11.43
C ARG A 189 -2.29 0.40 -12.39
N ALA A 190 -3.46 0.01 -11.89
CA ALA A 190 -4.49 -0.62 -12.70
C ALA A 190 -4.90 0.36 -13.79
N PRO A 191 -5.16 -0.13 -15.00
CA PRO A 191 -5.41 0.84 -16.07
C PRO A 191 -6.67 1.66 -15.80
N GLU A 192 -7.63 1.11 -15.08
CA GLU A 192 -8.86 1.86 -14.86
C GLU A 192 -8.61 3.06 -13.95
N ILE A 193 -7.62 2.97 -13.06
CA ILE A 193 -7.26 4.11 -12.21
C ILE A 193 -6.66 5.22 -13.04
N MET A 194 -5.92 4.84 -14.06
CA MET A 194 -5.30 5.83 -14.91
C MET A 194 -6.31 6.48 -15.83
N LEU A 195 -7.39 5.77 -16.10
CA LEU A 195 -8.42 6.29 -16.99
C LEU A 195 -9.56 6.91 -16.21
N ASN A 196 -9.25 7.37 -15.00
CA ASN A 196 -10.21 8.01 -14.10
C ASN A 196 -11.61 7.41 -14.19
N TRP A 197 -11.68 6.09 -14.17
CA TRP A 197 -12.93 5.37 -14.33
C TRP A 197 -13.88 5.64 -13.17
N MET A 198 -13.29 5.71 -11.98
CA MET A 198 -14.05 5.67 -10.74
C MET A 198 -14.72 4.30 -10.58
N HIS A 199 -15.61 4.21 -9.61
CA HIS A 199 -16.20 2.94 -9.27
C HIS A 199 -15.17 1.80 -9.25
N TYR A 200 -14.00 2.07 -8.70
CA TYR A 200 -12.95 1.05 -8.60
C TYR A 200 -13.38 -0.17 -7.81
N ASN A 201 -12.90 -1.30 -8.26
CA ASN A 201 -13.06 -2.54 -7.52
C ASN A 201 -11.82 -2.71 -6.70
N GLN A 202 -11.90 -3.51 -5.65
CA GLN A 202 -10.70 -3.95 -4.98
C GLN A 202 -9.68 -4.64 -5.90
N THR A 203 -10.11 -5.22 -7.02
CA THR A 203 -9.10 -5.91 -7.80
C THR A 203 -8.23 -4.91 -8.54
N VAL A 204 -8.40 -3.60 -8.35
CA VAL A 204 -7.31 -2.75 -8.81
C VAL A 204 -6.00 -3.20 -8.17
N ASP A 205 -6.08 -3.69 -6.92
CA ASP A 205 -4.86 -4.05 -6.22
C ASP A 205 -4.34 -5.36 -6.78
N ILE A 206 -5.23 -6.20 -7.32
CA ILE A 206 -4.74 -7.48 -7.87
C ILE A 206 -3.94 -7.22 -9.16
N TRP A 207 -4.35 -6.26 -9.98
CA TRP A 207 -3.50 -5.85 -11.08
C TRP A 207 -2.09 -5.48 -10.61
N SER A 208 -1.99 -4.66 -9.56
CA SER A 208 -0.70 -4.27 -9.04
C SER A 208 0.14 -5.47 -8.61
N VAL A 209 -0.49 -6.43 -7.92
CA VAL A 209 0.21 -7.64 -7.48
C VAL A 209 0.74 -8.40 -8.70
N GLY A 210 -0.08 -8.48 -9.75
CA GLY A 210 0.40 -9.14 -10.97
C GLY A 210 1.66 -8.45 -11.52
N CYS A 211 1.64 -7.12 -11.58
CA CYS A 211 2.83 -6.38 -12.05
C CYS A 211 4.05 -6.63 -11.20
N ILE A 212 3.84 -6.63 -9.89
CA ILE A 212 4.95 -6.88 -8.96
C ILE A 212 5.49 -8.31 -9.11
N MET A 213 4.60 -9.29 -9.09
CA MET A 213 5.00 -10.69 -9.22
C MET A 213 5.78 -10.92 -10.53
N ALA A 214 5.28 -10.33 -11.62
CA ALA A 214 5.95 -10.51 -12.92
C ALA A 214 7.41 -10.01 -12.82
N GLU A 215 7.58 -8.86 -12.18
CA GLU A 215 8.88 -8.24 -12.10
C GLU A 215 9.82 -9.06 -11.17
N LEU A 216 9.30 -9.63 -10.10
CA LEU A 216 10.14 -10.49 -9.28
C LEU A 216 10.64 -11.73 -10.03
N LEU A 217 9.78 -12.29 -10.87
CA LEU A 217 10.12 -13.52 -11.60
C LEU A 217 11.06 -13.25 -12.76
N THR A 218 10.89 -12.11 -13.43
CA THR A 218 11.69 -11.85 -14.63
C THR A 218 12.86 -10.92 -14.40
N GLY A 219 12.85 -10.16 -13.30
CA GLY A 219 13.88 -9.19 -12.99
C GLY A 219 13.70 -7.89 -13.75
N ARG A 220 12.53 -7.72 -14.36
CA ARG A 220 12.32 -6.56 -15.23
C ARG A 220 10.93 -5.99 -15.03
N THR A 221 10.80 -4.67 -15.11
CA THR A 221 9.48 -4.06 -15.00
C THR A 221 8.56 -4.55 -16.11
N LEU A 222 7.32 -4.90 -15.77
CA LEU A 222 6.42 -5.45 -16.77
C LEU A 222 5.94 -4.37 -17.74
N PHE A 223 5.50 -3.22 -17.20
CA PHE A 223 4.98 -2.17 -18.07
C PHE A 223 5.68 -0.85 -17.75
N PRO A 224 6.93 -0.70 -18.22
CA PRO A 224 7.69 0.50 -17.86
C PRO A 224 7.39 1.68 -18.77
N GLY A 225 6.19 2.22 -18.70
CA GLY A 225 5.81 3.29 -19.60
C GLY A 225 6.55 4.57 -19.29
N THR A 226 6.81 5.34 -20.35
CA THR A 226 7.53 6.60 -20.23
C THR A 226 6.60 7.73 -19.78
N ASP A 227 5.32 7.55 -20.05
CA ASP A 227 4.34 8.56 -19.68
C ASP A 227 2.97 7.89 -19.67
N HIS A 228 1.93 8.67 -19.46
CA HIS A 228 0.63 8.05 -19.29
C HIS A 228 0.16 7.22 -20.50
N ILE A 229 0.22 7.80 -21.69
CA ILE A 229 -0.30 7.07 -22.85
C ILE A 229 0.62 5.90 -23.20
N ASP A 230 1.91 6.06 -22.97
CA ASP A 230 2.82 4.96 -23.23
C ASP A 230 2.50 3.80 -22.33
N GLN A 231 2.17 4.09 -21.07
CA GLN A 231 1.84 3.05 -20.07
C GLN A 231 0.66 2.25 -20.63
N LEU A 232 -0.37 2.96 -21.12
CA LEU A 232 -1.54 2.26 -21.62
C LEU A 232 -1.25 1.45 -22.89
N LYS A 233 -0.41 2.00 -23.76
CA LYS A 233 -0.06 1.30 -25.00
C LYS A 233 0.69 0.00 -24.66
N LEU A 234 1.55 0.04 -23.65
CA LEU A 234 2.31 -1.19 -23.28
C LEU A 234 1.38 -2.24 -22.73
N ILE A 235 0.42 -1.83 -21.91
CA ILE A 235 -0.54 -2.75 -21.37
C ILE A 235 -1.33 -3.43 -22.48
N LEU A 236 -1.82 -2.65 -23.45
CA LEU A 236 -2.64 -3.23 -24.50
C LEU A 236 -1.82 -4.20 -25.37
N ARG A 237 -0.54 -3.88 -25.59
CA ARG A 237 0.31 -4.76 -26.39
C ARG A 237 0.46 -6.11 -25.72
N LEU A 238 0.51 -6.12 -24.41
CA LEU A 238 0.78 -7.38 -23.73
C LEU A 238 -0.45 -8.22 -23.44
N VAL A 239 -1.54 -7.60 -23.02
CA VAL A 239 -2.72 -8.41 -22.72
C VAL A 239 -3.74 -8.48 -23.88
N GLY A 240 -3.60 -7.63 -24.88
CA GLY A 240 -4.46 -7.69 -26.04
C GLY A 240 -5.64 -6.75 -25.94
N THR A 241 -6.25 -6.44 -27.08
CA THR A 241 -7.38 -5.52 -27.14
C THR A 241 -8.54 -6.06 -26.32
N PRO A 242 -9.38 -5.16 -25.79
CA PRO A 242 -10.53 -5.67 -25.03
C PRO A 242 -11.40 -6.59 -25.89
N GLY A 243 -11.83 -7.70 -25.32
CA GLY A 243 -12.76 -8.59 -26.01
C GLY A 243 -14.17 -8.02 -26.02
N ALA A 244 -15.09 -8.73 -26.68
CA ALA A 244 -16.47 -8.26 -26.83
C ALA A 244 -17.15 -7.95 -25.52
N GLU A 245 -16.99 -8.82 -24.51
CA GLU A 245 -17.63 -8.57 -23.22
C GLU A 245 -17.16 -7.26 -22.55
N LEU A 246 -15.85 -7.02 -22.53
CA LEU A 246 -15.30 -5.78 -21.94
C LEU A 246 -15.67 -4.53 -22.76
N LEU A 247 -15.67 -4.66 -24.07
CA LEU A 247 -16.01 -3.52 -24.93
C LEU A 247 -17.42 -3.04 -24.61
N LYS A 248 -18.33 -3.95 -24.21
CA LYS A 248 -19.69 -3.53 -23.87
C LYS A 248 -19.76 -2.61 -22.65
N LYS A 249 -18.74 -2.67 -21.80
CA LYS A 249 -18.71 -1.90 -20.57
C LYS A 249 -18.08 -0.53 -20.73
N ILE A 250 -17.64 -0.25 -21.97
CA ILE A 250 -17.09 1.08 -22.30
C ILE A 250 -18.09 1.86 -23.12
N SER A 251 -18.65 2.95 -22.54
CA SER A 251 -19.71 3.72 -23.20
C SER A 251 -19.28 4.37 -24.51
N SER A 252 -18.10 5.01 -24.47
CA SER A 252 -17.69 5.87 -25.60
C SER A 252 -17.31 5.12 -26.86
N GLU A 253 -18.03 5.43 -27.95
CA GLU A 253 -17.71 4.89 -29.26
C GLU A 253 -16.31 5.39 -29.68
N SER A 254 -16.04 6.67 -29.48
CA SER A 254 -14.73 7.21 -29.89
C SER A 254 -13.60 6.58 -29.08
N ALA A 255 -13.87 6.32 -27.80
CA ALA A 255 -12.87 5.71 -26.94
C ALA A 255 -12.60 4.31 -27.45
N ARG A 256 -13.67 3.59 -27.83
CA ARG A 256 -13.50 2.25 -28.37
C ARG A 256 -12.74 2.29 -29.69
N ASN A 257 -13.03 3.28 -30.53
CA ASN A 257 -12.24 3.53 -31.76
C ASN A 257 -10.76 3.82 -31.44
N TYR A 258 -10.53 4.68 -30.45
CA TYR A 258 -9.18 5.11 -30.07
C TYR A 258 -8.35 3.97 -29.52
N ILE A 259 -8.93 3.15 -28.64
CA ILE A 259 -8.20 1.98 -28.18
C ILE A 259 -7.96 0.98 -29.31
N GLN A 260 -8.92 0.84 -30.22
CA GLN A 260 -8.70 -0.06 -31.35
C GLN A 260 -7.52 0.41 -32.23
N SER A 261 -7.19 1.69 -32.16
CA SER A 261 -6.09 2.21 -32.98
C SER A 261 -4.70 1.97 -32.36
N LEU A 262 -4.65 1.78 -31.05
CA LEU A 262 -3.39 1.52 -30.36
C LEU A 262 -3.15 0.02 -30.24
N THR A 263 -4.08 -0.77 -30.77
CA THR A 263 -4.18 -2.17 -30.38
C THR A 263 -4.12 -3.12 -31.56
N LYS A 267 -1.07 -9.05 -31.08
CA LYS A 267 -0.73 -8.91 -29.67
C LYS A 267 0.62 -9.58 -29.35
N MET A 268 1.47 -8.86 -28.62
CA MET A 268 2.76 -9.40 -28.17
C MET A 268 2.46 -10.55 -27.21
N ASN A 269 3.25 -11.61 -27.28
CA ASN A 269 2.97 -12.76 -26.43
C ASN A 269 3.25 -12.51 -24.95
N PHE A 270 2.18 -12.55 -24.18
CA PHE A 270 2.26 -12.74 -22.73
C PHE A 270 3.16 -13.95 -22.40
N ALA A 271 2.94 -15.04 -23.10
CA ALA A 271 3.70 -16.25 -22.84
C ALA A 271 5.21 -16.06 -23.01
N ASN A 272 5.61 -15.32 -24.03
CA ASN A 272 7.03 -15.07 -24.28
C ASN A 272 7.71 -14.21 -23.21
N VAL A 273 6.92 -13.46 -22.44
CA VAL A 273 7.53 -12.69 -21.33
C VAL A 273 8.03 -13.59 -20.21
N PHE A 274 7.38 -14.74 -20.04
CA PHE A 274 7.63 -15.55 -18.86
C PHE A 274 8.23 -16.90 -19.18
N ILE A 275 9.10 -16.92 -20.18
CA ILE A 275 9.77 -18.13 -20.57
C ILE A 275 10.60 -18.68 -19.44
N GLY A 276 10.48 -19.98 -19.19
CA GLY A 276 11.26 -20.64 -18.15
C GLY A 276 10.59 -20.58 -16.78
N ALA A 277 9.49 -19.87 -16.69
CA ALA A 277 8.81 -19.75 -15.40
C ALA A 277 7.97 -20.98 -15.08
N ASN A 278 7.75 -21.20 -13.79
CA ASN A 278 6.80 -22.19 -13.31
C ASN A 278 5.45 -21.99 -14.00
N PRO A 279 4.93 -23.03 -14.65
CA PRO A 279 3.65 -22.82 -15.34
C PRO A 279 2.51 -22.41 -14.38
N LEU A 280 2.58 -22.80 -13.11
CA LEU A 280 1.59 -22.38 -12.13
C LEU A 280 1.71 -20.87 -11.87
N ALA A 281 2.92 -20.35 -11.88
CA ALA A 281 3.08 -18.91 -11.76
C ALA A 281 2.47 -18.19 -12.94
N VAL A 282 2.71 -18.71 -14.15
CA VAL A 282 2.19 -18.08 -15.33
C VAL A 282 0.65 -18.12 -15.33
N ASP A 283 0.10 -19.25 -14.89
CA ASP A 283 -1.34 -19.40 -14.84
C ASP A 283 -1.94 -18.35 -13.92
N LEU A 284 -1.33 -18.19 -12.76
CA LEU A 284 -1.80 -17.16 -11.80
C LEU A 284 -1.64 -15.74 -12.38
N LEU A 285 -0.50 -15.44 -13.03
CA LEU A 285 -0.29 -14.12 -13.65
C LEU A 285 -1.40 -13.84 -14.68
N GLU A 286 -1.78 -14.86 -15.45
CA GLU A 286 -2.82 -14.70 -16.48
C GLU A 286 -4.15 -14.37 -15.84
N LYS A 287 -4.35 -14.82 -14.61
CA LYS A 287 -5.62 -14.59 -13.89
C LYS A 287 -5.62 -13.24 -13.15
N MET A 288 -4.44 -12.69 -12.92
CA MET A 288 -4.36 -11.38 -12.25
C MET A 288 -4.37 -10.22 -13.24
N LEU A 289 -3.66 -10.40 -14.35
CA LEU A 289 -3.44 -9.34 -15.33
C LEU A 289 -4.48 -9.42 -16.45
N VAL A 290 -5.72 -9.25 -16.04
CA VAL A 290 -6.90 -9.29 -16.90
C VAL A 290 -7.41 -7.87 -16.97
N LEU A 291 -7.63 -7.36 -18.18
CA LEU A 291 -8.05 -5.97 -18.35
C LEU A 291 -9.36 -5.75 -17.61
N ASP A 292 -10.31 -6.65 -17.80
CA ASP A 292 -11.64 -6.45 -17.21
C ASP A 292 -11.53 -6.75 -15.72
N SER A 293 -11.66 -5.70 -14.89
CA SER A 293 -11.46 -5.87 -13.45
C SER A 293 -12.45 -6.86 -12.83
N ASP A 294 -13.61 -7.05 -13.48
CA ASP A 294 -14.61 -8.00 -12.99
C ASP A 294 -14.16 -9.46 -13.13
N LYS A 295 -13.13 -9.69 -13.95
CA LYS A 295 -12.70 -11.04 -14.23
C LYS A 295 -11.33 -11.37 -13.64
N ARG A 296 -10.75 -10.43 -12.92
CA ARG A 296 -9.52 -10.74 -12.19
C ARG A 296 -9.77 -11.62 -10.99
N ILE A 297 -8.83 -12.51 -10.71
CA ILE A 297 -8.92 -13.33 -9.51
C ILE A 297 -8.89 -12.42 -8.27
N THR A 298 -9.58 -12.84 -7.21
CA THR A 298 -9.56 -12.07 -5.95
C THR A 298 -8.39 -12.51 -5.09
N ALA A 299 -8.10 -11.75 -4.03
CA ALA A 299 -7.01 -12.19 -3.15
C ALA A 299 -7.30 -13.53 -2.52
N ALA A 300 -8.51 -13.71 -2.03
CA ALA A 300 -8.86 -14.97 -1.38
C ALA A 300 -8.75 -16.15 -2.37
N GLN A 301 -9.25 -15.96 -3.59
CA GLN A 301 -9.13 -17.00 -4.61
C GLN A 301 -7.69 -17.32 -4.91
N ALA A 302 -6.89 -16.27 -4.95
CA ALA A 302 -5.50 -16.41 -5.31
C ALA A 302 -4.74 -17.23 -4.25
N LEU A 303 -5.08 -17.01 -2.99
CA LEU A 303 -4.44 -17.77 -1.90
C LEU A 303 -4.65 -19.26 -2.04
N ALA A 304 -5.78 -19.67 -2.61
CA ALA A 304 -6.08 -21.06 -2.85
C ALA A 304 -5.52 -21.64 -4.15
N HIS A 305 -4.85 -20.83 -4.95
CA HIS A 305 -4.33 -21.30 -6.24
C HIS A 305 -3.16 -22.25 -5.96
N ALA A 306 -3.00 -23.28 -6.79
CA ALA A 306 -1.97 -24.29 -6.54
C ALA A 306 -0.54 -23.72 -6.43
N TYR A 307 -0.31 -22.54 -6.99
CA TYR A 307 1.04 -22.00 -6.91
C TYR A 307 1.46 -21.85 -5.45
N PHE A 308 0.49 -21.65 -4.55
CA PHE A 308 0.81 -21.40 -3.14
C PHE A 308 0.68 -22.60 -2.23
N ALA A 309 0.65 -23.80 -2.81
CA ALA A 309 0.37 -25.00 -2.01
C ALA A 309 1.31 -25.17 -0.81
N GLN A 310 2.54 -24.72 -0.93
CA GLN A 310 3.50 -24.82 0.16
C GLN A 310 3.14 -23.95 1.38
N TYR A 311 2.36 -22.87 1.17
CA TYR A 311 2.12 -21.91 2.25
C TYR A 311 0.64 -21.78 2.66
N HIS A 312 -0.27 -22.08 1.74
CA HIS A 312 -1.69 -21.86 2.00
C HIS A 312 -2.15 -22.60 3.22
N ASP A 313 -2.85 -21.88 4.09
CA ASP A 313 -3.52 -22.48 5.23
C ASP A 313 -4.78 -21.69 5.50
N PRO A 314 -5.93 -22.24 5.09
CA PRO A 314 -7.18 -21.51 5.26
C PRO A 314 -7.51 -21.20 6.72
N ASP A 315 -6.91 -21.92 7.65
CA ASP A 315 -7.10 -21.71 9.10
C ASP A 315 -6.33 -20.50 9.63
N ASP A 316 -5.40 -19.99 8.83
CA ASP A 316 -4.57 -18.87 9.28
C ASP A 316 -4.40 -17.81 8.19
N GLU A 317 -5.52 -17.48 7.55
CA GLU A 317 -5.56 -16.37 6.60
C GLU A 317 -6.73 -15.47 7.02
N PRO A 318 -6.53 -14.75 8.13
CA PRO A 318 -7.64 -14.09 8.82
C PRO A 318 -8.18 -12.86 8.10
N VAL A 319 -9.44 -12.53 8.40
CA VAL A 319 -10.06 -11.35 7.86
C VAL A 319 -10.11 -10.26 8.92
N ALA A 320 -10.47 -9.05 8.46
CA ALA A 320 -10.45 -7.88 9.33
C ALA A 320 -11.81 -7.63 9.94
N ASP A 321 -11.83 -6.92 11.07
CA ASP A 321 -13.07 -6.33 11.54
C ASP A 321 -13.55 -5.34 10.50
N PRO A 322 -14.87 -5.14 10.41
CA PRO A 322 -15.35 -4.18 9.44
C PRO A 322 -14.87 -2.79 9.85
N PHE A 323 -14.63 -1.94 8.89
CA PHE A 323 -14.03 -0.63 9.15
C PHE A 323 -15.14 0.39 8.97
N ASP A 324 -15.28 1.35 9.90
CA ASP A 324 -16.33 2.40 9.77
C ASP A 324 -15.82 3.50 8.85
N GLN A 325 -16.26 3.48 7.61
CA GLN A 325 -15.79 4.45 6.64
C GLN A 325 -16.75 5.58 6.44
N SER A 326 -17.67 5.76 7.39
CA SER A 326 -18.65 6.82 7.21
C SER A 326 -17.97 8.17 7.01
N PHE A 327 -16.84 8.39 7.69
CA PHE A 327 -16.18 9.69 7.63
C PHE A 327 -15.77 10.05 6.20
N GLU A 328 -15.53 9.05 5.36
CA GLU A 328 -15.02 9.33 4.01
C GLU A 328 -15.92 10.24 3.20
N SER A 329 -17.22 10.13 3.46
CA SER A 329 -18.19 10.91 2.69
C SER A 329 -18.60 12.19 3.41
N ARG A 330 -17.94 12.52 4.51
CA ARG A 330 -18.36 13.69 5.28
C ARG A 330 -17.59 14.94 4.88
N ASP A 331 -18.29 16.08 4.91
CA ASP A 331 -17.69 17.38 4.67
C ASP A 331 -17.83 18.14 5.99
N LEU A 332 -16.78 18.11 6.80
CA LEU A 332 -16.83 18.69 8.15
C LEU A 332 -15.88 19.88 8.28
N LEU A 333 -16.03 20.63 9.36
CA LEU A 333 -15.12 21.76 9.65
C LEU A 333 -13.81 21.29 10.24
N ILE A 334 -12.78 22.11 10.13
CA ILE A 334 -11.48 21.69 10.61
C ILE A 334 -11.55 21.30 12.07
N ASP A 335 -12.25 22.12 12.87
CA ASP A 335 -12.24 21.87 14.29
C ASP A 335 -12.89 20.55 14.65
N GLU A 336 -13.82 20.10 13.83
CA GLU A 336 -14.42 18.80 14.07
C GLU A 336 -13.48 17.65 13.69
N TRP A 337 -12.86 17.75 12.52
CA TRP A 337 -11.86 16.76 12.13
C TRP A 337 -10.78 16.71 13.23
N LYS A 338 -10.40 17.88 13.74
CA LYS A 338 -9.30 17.94 14.74
C LYS A 338 -9.72 17.28 16.05
N SER A 339 -10.95 17.55 16.46
CA SER A 339 -11.50 16.94 17.67
C SER A 339 -11.60 15.42 17.52
N LEU A 340 -12.07 14.96 16.36
CA LEU A 340 -12.21 13.52 16.10
C LEU A 340 -10.82 12.88 16.15
N THR A 341 -9.85 13.53 15.53
CA THR A 341 -8.45 13.04 15.58
C THR A 341 -7.92 12.98 17.02
N TYR A 342 -8.12 14.04 17.79
CA TYR A 342 -7.69 14.06 19.20
C TYR A 342 -8.29 12.89 19.99
N ASP A 343 -9.58 12.63 19.77
CA ASP A 343 -10.25 11.48 20.39
C ASP A 343 -9.49 10.19 20.10
N GLU A 344 -9.05 10.04 18.87
CA GLU A 344 -8.45 8.78 18.45
C GLU A 344 -7.05 8.67 19.00
N VAL A 345 -6.39 9.82 19.16
CA VAL A 345 -5.07 9.80 19.79
C VAL A 345 -5.17 9.33 21.26
N ILE A 346 -6.11 9.92 21.98
CA ILE A 346 -6.29 9.68 23.42
C ILE A 346 -6.76 8.26 23.70
N SER A 347 -7.52 7.68 22.79
CA SER A 347 -8.06 6.32 23.01
C SER A 347 -7.14 5.19 22.58
N PHE A 348 -6.01 5.53 21.96
CA PHE A 348 -5.11 4.52 21.44
C PHE A 348 -4.60 3.57 22.52
N VAL A 349 -4.66 2.28 22.22
CA VAL A 349 -4.02 1.29 23.07
C VAL A 349 -2.98 0.52 22.27
N PRO A 350 -1.72 0.49 22.76
CA PRO A 350 -0.67 -0.18 21.98
C PRO A 350 -0.90 -1.68 21.86
N PRO A 351 -0.44 -2.26 20.73
CA PRO A 351 -0.56 -3.70 20.47
C PRO A 351 0.15 -4.52 21.54
N PRO A 352 -0.19 -5.81 21.61
CA PRO A 352 0.36 -6.75 22.58
C PRO A 352 1.89 -6.72 22.63
C1 BOG B . -13.56 -2.28 -15.51
O1 BOG B . -12.40 -3.02 -15.83
C2 BOG B . -14.74 -3.21 -15.50
O2 BOG B . -14.89 -3.81 -16.75
C3 BOG B . -15.93 -2.46 -15.08
O3 BOG B . -17.08 -3.37 -15.05
C4 BOG B . -15.76 -1.81 -13.82
O4 BOG B . -16.94 -1.07 -13.45
C5 BOG B . -14.56 -0.92 -13.85
O5 BOG B . -13.40 -1.71 -14.23
C6 BOG B . -14.30 -0.33 -12.54
O6 BOG B . -14.22 -1.32 -11.55
C1' BOG B . -11.26 -2.23 -16.12
C2' BOG B . -11.17 -1.98 -17.62
C3' BOG B . -9.93 -1.29 -18.13
C4' BOG B . -9.80 -1.16 -19.62
C5' BOG B . -8.52 -0.45 -20.05
C6' BOG B . -8.26 -0.26 -21.53
C7' BOG B . -6.87 0.35 -21.88
C8' BOG B . -5.63 -0.33 -21.39
C1 BOG C . -14.34 5.47 -18.89
O1 BOG C . -13.54 5.83 -19.98
C2 BOG C . -14.82 6.71 -18.16
O2 BOG C . -13.76 7.40 -17.55
C3 BOG C . -15.78 6.40 -17.15
O3 BOG C . -16.28 7.70 -16.63
C4 BOG C . -16.82 5.58 -17.66
O4 BOG C . -17.77 5.27 -16.67
C5 BOG C . -16.27 4.32 -18.31
O5 BOG C . -15.37 4.65 -19.39
C6 BOG C . -17.32 3.44 -18.86
O6 BOG C . -18.09 4.03 -19.89
C1' BOG C . -12.94 4.84 -20.78
C2' BOG C . -11.81 5.32 -21.67
C3' BOG C . -11.06 4.26 -22.47
C4' BOG C . -9.57 4.48 -22.69
C5' BOG C . -9.16 5.34 -23.86
C6' BOG C . -7.74 5.24 -24.36
C7' BOG C . -7.03 3.85 -24.27
C8' BOG C . -5.53 3.87 -24.30
#